data_3L6U
#
_entry.id   3L6U
#
_cell.length_a   66.932
_cell.length_b   57.309
_cell.length_c   73.131
_cell.angle_alpha   90.00
_cell.angle_beta   106.70
_cell.angle_gamma   90.00
#
_symmetry.space_group_name_H-M   'P 1 21 1'
#
loop_
_entity.id
_entity.type
_entity.pdbx_description
1 polymer 'ABC-TYPE SUGAR TRANSPORT SYSTEM PERIPLASMIC COMPONENT'
2 non-polymer 'SULFATE ION'
3 water water
#
_entity_poly.entity_id   1
_entity_poly.type   'polypeptide(L)'
_entity_poly.pdbx_seq_one_letter_code
;(MSE)SLTSPKRNIVGFTIVNDKHEFAQRLINAFKAEAKANKYEALVATSQNSRISEREQILEFVHLKVDAIFITTLDDV
YIGSAIEEAKKAGIPVFAIDR(MSE)IRSDAVVSSITSNNQ(MSE)IGEQLASYIKNELIKQTGRSTGRIVEITGTANVY
TTNERHRGFLKGIENEPTLSIVDSVSGNYDPVTSERV(MSE)RQVIDSGIPFDAVYCHNDDIA(MSE)GVLEALKKAKIS
GKIVVGIDGNRAILEAVD(MSE)KS(MSE)DATVVQSAEE(MSE)(MSE)KVAFSALKLHTKNKKIPDRFYTYSYLYDGS
REGHHHHHH
;
_entity_poly.pdbx_strand_id   A,B
#
loop_
_chem_comp.id
_chem_comp.type
_chem_comp.name
_chem_comp.formula
SO4 non-polymer 'SULFATE ION' 'O4 S -2'
#
# COMPACT_ATOMS: atom_id res chain seq x y z
N ASN A 9 18.38 -3.13 -32.53
CA ASN A 9 18.40 -2.25 -31.32
C ASN A 9 17.02 -1.63 -31.18
N ILE A 10 16.03 -2.51 -31.06
CA ILE A 10 14.66 -2.05 -30.95
C ILE A 10 13.86 -2.92 -29.98
N VAL A 11 12.98 -2.28 -29.25
CA VAL A 11 12.12 -2.97 -28.31
C VAL A 11 10.69 -2.65 -28.78
N GLY A 12 9.89 -3.69 -28.97
CA GLY A 12 8.53 -3.48 -29.42
C GLY A 12 7.54 -3.59 -28.27
N PHE A 13 6.53 -2.73 -28.27
CA PHE A 13 5.50 -2.73 -27.23
C PHE A 13 4.13 -2.75 -27.89
N THR A 14 3.32 -3.74 -27.56
CA THR A 14 1.96 -3.84 -28.09
C THR A 14 0.98 -3.72 -26.93
N ILE A 15 0.02 -2.82 -27.04
CA ILE A 15 -0.95 -2.61 -25.97
C ILE A 15 -2.38 -2.58 -26.54
N VAL A 16 -3.35 -3.09 -25.77
CA VAL A 16 -4.74 -3.17 -26.20
C VAL A 16 -5.29 -1.96 -26.95
N ASN A 17 -5.07 -0.77 -26.42
CA ASN A 17 -5.57 0.42 -27.10
C ASN A 17 -4.86 1.70 -26.69
N ASP A 18 -5.25 2.79 -27.35
CA ASP A 18 -4.67 4.10 -27.12
C ASP A 18 -5.65 5.01 -26.37
N LYS A 19 -6.84 4.51 -26.08
CA LYS A 19 -7.88 5.29 -25.40
C LYS A 19 -7.70 5.52 -23.90
N HIS A 20 -7.39 4.48 -23.15
CA HIS A 20 -7.19 4.61 -21.70
C HIS A 20 -6.08 5.62 -21.42
N GLU A 21 -6.27 6.46 -20.41
CA GLU A 21 -5.23 7.42 -20.07
C GLU A 21 -4.05 6.65 -19.48
N PHE A 22 -4.33 5.55 -18.78
CA PHE A 22 -3.23 4.78 -18.22
C PHE A 22 -2.41 4.14 -19.33
N ALA A 23 -3.09 3.74 -20.41
CA ALA A 23 -2.42 3.14 -21.54
C ALA A 23 -1.48 4.18 -22.15
N GLN A 24 -1.96 5.42 -22.23
CA GLN A 24 -1.15 6.51 -22.77
C GLN A 24 0.08 6.69 -21.90
N ARG A 25 -0.13 6.62 -20.58
CA ARG A 25 0.96 6.76 -19.63
C ARG A 25 1.95 5.61 -19.81
N LEU A 26 1.45 4.42 -20.13
CA LEU A 26 2.33 3.28 -20.33
C LEU A 26 3.12 3.48 -21.63
N ILE A 27 2.45 4.00 -22.65
CA ILE A 27 3.11 4.25 -23.92
C ILE A 27 4.19 5.31 -23.75
N ASN A 28 3.85 6.40 -23.07
CA ASN A 28 4.81 7.47 -22.84
C ASN A 28 5.99 7.01 -21.98
N ALA A 29 5.72 6.17 -21.00
CA ALA A 29 6.79 5.68 -20.13
C ALA A 29 7.71 4.75 -20.90
N PHE A 30 7.13 3.93 -21.76
CA PHE A 30 7.90 3.00 -22.58
C PHE A 30 8.87 3.74 -23.49
N LYS A 31 8.38 4.75 -24.19
CA LYS A 31 9.24 5.52 -25.10
C LYS A 31 10.36 6.21 -24.33
N ALA A 32 10.03 6.81 -23.21
CA ALA A 32 11.02 7.49 -22.39
C ALA A 32 12.09 6.52 -21.90
N GLU A 33 11.67 5.37 -21.36
CA GLU A 33 12.66 4.41 -20.88
C GLU A 33 13.45 3.78 -22.02
N ALA A 34 12.79 3.52 -23.15
CA ALA A 34 13.49 2.94 -24.30
C ALA A 34 14.66 3.87 -24.66
N LYS A 35 14.38 5.17 -24.68
CA LYS A 35 15.40 6.17 -25.02
C LYS A 35 16.49 6.23 -23.95
N ALA A 36 16.07 6.20 -22.68
CA ALA A 36 17.03 6.24 -21.58
C ALA A 36 17.96 5.04 -21.63
N ASN A 37 17.52 3.97 -22.28
CA ASN A 37 18.34 2.76 -22.38
C ASN A 37 18.97 2.63 -23.77
N LYS A 38 18.90 3.72 -24.53
CA LYS A 38 19.50 3.79 -25.86
C LYS A 38 18.94 2.78 -26.86
N TYR A 39 17.63 2.56 -26.77
CA TYR A 39 16.92 1.65 -27.65
C TYR A 39 16.00 2.46 -28.55
N GLU A 40 15.71 1.92 -29.72
CA GLU A 40 14.78 2.56 -30.64
C GLU A 40 13.48 1.96 -30.13
N ALA A 41 12.38 2.69 -30.23
CA ALA A 41 11.13 2.15 -29.72
C ALA A 41 10.02 2.06 -30.76
N LEU A 42 9.38 0.90 -30.82
CA LEU A 42 8.26 0.69 -31.73
C LEU A 42 7.04 0.42 -30.87
N VAL A 43 5.97 1.17 -31.12
CA VAL A 43 4.73 1.01 -30.37
C VAL A 43 3.59 0.63 -31.31
N ALA A 44 2.81 -0.36 -30.89
CA ALA A 44 1.69 -0.84 -31.69
C ALA A 44 0.45 -1.00 -30.80
N THR A 45 -0.72 -0.66 -31.35
CA THR A 45 -1.97 -0.77 -30.61
C THR A 45 -2.93 -1.68 -31.38
N SER A 46 -3.58 -2.60 -30.66
CA SER A 46 -4.51 -3.55 -31.29
C SER A 46 -5.98 -3.16 -31.26
N GLN A 47 -6.31 -2.06 -30.60
CA GLN A 47 -7.70 -1.62 -30.50
C GLN A 47 -8.61 -2.76 -30.05
N ASN A 48 -8.30 -3.33 -28.90
CA ASN A 48 -9.09 -4.42 -28.32
C ASN A 48 -9.34 -5.55 -29.33
N SER A 49 -8.36 -5.80 -30.19
CA SER A 49 -8.46 -6.86 -31.19
C SER A 49 -7.38 -7.91 -30.92
N ARG A 50 -7.80 -9.08 -30.46
CA ARG A 50 -6.87 -10.16 -30.14
C ARG A 50 -6.12 -10.61 -31.39
N ILE A 51 -6.81 -10.56 -32.53
CA ILE A 51 -6.22 -10.96 -33.79
C ILE A 51 -5.07 -10.03 -34.19
N SER A 52 -5.27 -8.73 -34.04
CA SER A 52 -4.23 -7.76 -34.39
C SER A 52 -3.10 -7.79 -33.37
N GLU A 53 -3.43 -8.19 -32.13
CA GLU A 53 -2.43 -8.28 -31.08
C GLU A 53 -1.47 -9.40 -31.46
N ARG A 54 -2.03 -10.52 -31.92
CA ARG A 54 -1.22 -11.67 -32.31
C ARG A 54 -0.30 -11.31 -33.48
N GLU A 55 -0.89 -10.75 -34.53
CA GLU A 55 -0.11 -10.38 -35.71
C GLU A 55 0.95 -9.35 -35.37
N GLN A 56 0.66 -8.48 -34.41
CA GLN A 56 1.62 -7.45 -34.00
C GLN A 56 2.82 -8.08 -33.29
N ILE A 57 2.56 -9.16 -32.55
CA ILE A 57 3.63 -9.85 -31.85
C ILE A 57 4.48 -10.54 -32.91
N LEU A 58 3.81 -11.22 -33.84
CA LEU A 58 4.49 -11.92 -34.92
C LEU A 58 5.31 -10.97 -35.79
N GLU A 59 4.82 -9.76 -35.99
CA GLU A 59 5.53 -8.77 -36.79
C GLU A 59 6.82 -8.34 -36.10
N PHE A 60 6.77 -8.15 -34.78
CA PHE A 60 7.96 -7.75 -34.03
C PHE A 60 9.02 -8.84 -34.16
N VAL A 61 8.58 -10.09 -34.08
CA VAL A 61 9.47 -11.24 -34.21
C VAL A 61 10.12 -11.22 -35.58
N HIS A 62 9.31 -10.94 -36.60
CA HIS A 62 9.78 -10.87 -37.98
C HIS A 62 10.82 -9.77 -38.11
N LEU A 63 10.60 -8.66 -37.42
CA LEU A 63 11.51 -7.53 -37.47
C LEU A 63 12.78 -7.78 -36.65
N LYS A 64 12.83 -8.93 -36.00
CA LYS A 64 13.99 -9.28 -35.18
C LYS A 64 14.27 -8.23 -34.10
N VAL A 65 13.22 -7.80 -33.39
CA VAL A 65 13.38 -6.82 -32.32
C VAL A 65 14.19 -7.46 -31.20
N ASP A 66 14.81 -6.65 -30.36
CA ASP A 66 15.62 -7.19 -29.27
C ASP A 66 14.79 -7.70 -28.10
N ALA A 67 13.57 -7.19 -27.98
CA ALA A 67 12.67 -7.59 -26.90
C ALA A 67 11.27 -7.08 -27.19
N ILE A 68 10.28 -7.78 -26.64
CA ILE A 68 8.88 -7.42 -26.83
C ILE A 68 8.15 -7.24 -25.49
N PHE A 69 7.49 -6.10 -25.33
CA PHE A 69 6.71 -5.78 -24.13
C PHE A 69 5.23 -5.89 -24.53
N ILE A 70 4.44 -6.55 -23.68
CA ILE A 70 3.01 -6.75 -23.97
C ILE A 70 2.02 -6.41 -22.83
N THR A 71 0.97 -5.68 -23.18
CA THR A 71 -0.11 -5.36 -22.24
C THR A 71 -1.30 -5.94 -23.01
N THR A 72 -1.59 -7.21 -22.72
CA THR A 72 -2.63 -7.96 -23.41
C THR A 72 -4.09 -7.82 -23.01
N LEU A 73 -4.93 -8.36 -23.89
CA LEU A 73 -6.38 -8.39 -23.73
C LEU A 73 -6.76 -9.81 -23.35
N ASP A 74 -5.97 -10.77 -23.84
CA ASP A 74 -6.19 -12.20 -23.58
C ASP A 74 -4.81 -12.88 -23.69
N ASP A 75 -4.22 -13.22 -22.54
CA ASP A 75 -2.91 -13.84 -22.51
C ASP A 75 -2.86 -15.25 -23.10
N VAL A 76 -4.01 -15.90 -23.20
CA VAL A 76 -4.07 -17.25 -23.73
C VAL A 76 -4.07 -17.26 -25.26
N TYR A 77 -4.79 -16.31 -25.84
CA TYR A 77 -4.89 -16.18 -27.28
C TYR A 77 -3.52 -16.04 -27.95
N ILE A 78 -2.69 -15.17 -27.40
CA ILE A 78 -1.35 -14.94 -27.95
C ILE A 78 -0.34 -15.95 -27.45
N GLY A 79 -0.83 -17.06 -26.91
CA GLY A 79 0.06 -18.09 -26.40
C GLY A 79 1.08 -18.61 -27.41
N SER A 80 0.60 -18.98 -28.60
CA SER A 80 1.49 -19.50 -29.64
C SER A 80 2.44 -18.46 -30.19
N ALA A 81 1.95 -17.22 -30.33
CA ALA A 81 2.78 -16.14 -30.86
C ALA A 81 3.95 -15.86 -29.92
N ILE A 82 3.67 -15.81 -28.62
CA ILE A 82 4.72 -15.55 -27.64
C ILE A 82 5.78 -16.65 -27.66
N GLU A 83 5.35 -17.89 -27.81
CA GLU A 83 6.30 -19.00 -27.86
C GLU A 83 7.15 -18.88 -29.11
N GLU A 84 6.57 -18.27 -30.15
CA GLU A 84 7.28 -18.07 -31.39
C GLU A 84 8.42 -17.10 -31.12
N ALA A 85 8.10 -16.02 -30.40
CA ALA A 85 9.10 -15.02 -30.06
C ALA A 85 10.23 -15.71 -29.29
N LYS A 86 9.87 -16.62 -28.39
CA LYS A 86 10.87 -17.34 -27.60
C LYS A 86 11.75 -18.21 -28.49
N LYS A 87 11.14 -18.92 -29.43
CA LYS A 87 11.89 -19.76 -30.35
C LYS A 87 12.91 -18.93 -31.13
N ALA A 88 12.56 -17.68 -31.42
CA ALA A 88 13.43 -16.79 -32.16
C ALA A 88 14.46 -16.12 -31.26
N GLY A 89 14.43 -16.47 -29.98
CA GLY A 89 15.38 -15.89 -29.05
C GLY A 89 15.06 -14.47 -28.65
N ILE A 90 13.78 -14.12 -28.68
CA ILE A 90 13.33 -12.78 -28.31
C ILE A 90 12.58 -12.85 -26.99
N PRO A 91 13.14 -12.23 -25.94
CA PRO A 91 12.51 -12.24 -24.62
C PRO A 91 11.24 -11.39 -24.61
N VAL A 92 10.22 -11.86 -23.91
CA VAL A 92 8.96 -11.13 -23.82
C VAL A 92 8.64 -10.82 -22.36
N PHE A 93 8.20 -9.59 -22.11
CA PHE A 93 7.85 -9.16 -20.77
C PHE A 93 6.43 -8.62 -20.75
N ALA A 94 5.66 -9.03 -19.76
CA ALA A 94 4.29 -8.57 -19.63
C ALA A 94 4.28 -7.34 -18.74
N ILE A 95 3.61 -6.28 -19.19
CA ILE A 95 3.52 -5.06 -18.40
C ILE A 95 2.06 -4.75 -18.06
N ASP A 96 1.83 -4.37 -16.81
CA ASP A 96 0.51 -4.00 -16.30
C ASP A 96 -0.44 -5.18 -16.11
N ARG A 97 -0.56 -6.03 -17.11
CA ARG A 97 -1.41 -7.20 -17.05
C ARG A 97 -0.56 -8.45 -17.14
N MSE A 98 -0.63 -9.29 -16.13
CA MSE A 98 0.16 -10.50 -16.12
C MSE A 98 -0.20 -11.50 -17.21
O MSE A 98 -1.36 -11.63 -17.59
CB MSE A 98 0.05 -11.21 -14.76
CG MSE A 98 0.83 -12.51 -14.71
SE MSE A 98 0.53 -13.51 -13.10
CE MSE A 98 2.05 -12.89 -12.10
N ILE A 99 0.82 -12.20 -17.70
CA ILE A 99 0.64 -13.23 -18.70
C ILE A 99 1.25 -14.48 -18.09
N ARG A 100 0.45 -15.55 -18.07
CA ARG A 100 0.89 -16.81 -17.51
C ARG A 100 1.41 -17.68 -18.66
N SER A 101 2.72 -17.62 -18.87
CA SER A 101 3.35 -18.36 -19.95
C SER A 101 4.84 -18.55 -19.67
N ASP A 102 5.29 -19.78 -19.80
CA ASP A 102 6.70 -20.08 -19.57
C ASP A 102 7.50 -19.48 -20.72
N ALA A 103 6.78 -18.87 -21.67
CA ALA A 103 7.42 -18.23 -22.81
C ALA A 103 7.67 -16.77 -22.46
N VAL A 104 7.12 -16.33 -21.32
CA VAL A 104 7.28 -14.96 -20.84
C VAL A 104 8.33 -14.94 -19.74
N VAL A 105 9.29 -14.04 -19.87
CA VAL A 105 10.37 -13.94 -18.89
C VAL A 105 9.86 -13.47 -17.54
N SER A 106 9.05 -12.41 -17.54
CA SER A 106 8.51 -11.89 -16.29
C SER A 106 7.35 -10.93 -16.52
N SER A 107 6.52 -10.78 -15.50
CA SER A 107 5.39 -9.87 -15.54
C SER A 107 5.64 -8.75 -14.54
N ILE A 108 5.52 -7.51 -15.01
CA ILE A 108 5.74 -6.35 -14.16
C ILE A 108 4.40 -5.63 -14.08
N THR A 109 3.82 -5.59 -12.88
CA THR A 109 2.52 -4.97 -12.68
C THR A 109 2.44 -4.37 -11.28
N SER A 110 1.31 -3.77 -10.94
CA SER A 110 1.11 -3.25 -9.59
C SER A 110 0.70 -4.50 -8.81
N ASN A 111 0.69 -4.42 -7.48
CA ASN A 111 0.23 -5.56 -6.68
C ASN A 111 -1.26 -5.32 -6.63
N ASN A 112 -1.96 -5.84 -7.63
CA ASN A 112 -3.40 -5.63 -7.72
C ASN A 112 -4.27 -6.14 -6.58
N GLN A 113 -3.86 -7.21 -5.91
CA GLN A 113 -4.66 -7.67 -4.80
C GLN A 113 -4.50 -6.67 -3.65
N MSE A 114 -3.29 -6.15 -3.49
CA MSE A 114 -3.04 -5.18 -2.43
C MSE A 114 -3.90 -3.95 -2.67
O MSE A 114 -4.45 -3.36 -1.73
CB MSE A 114 -1.56 -4.79 -2.41
CG MSE A 114 -1.18 -3.87 -1.27
SE MSE A 114 0.73 -3.47 -1.24
CE MSE A 114 1.36 -5.11 -0.41
N ILE A 115 -4.02 -3.55 -3.94
CA ILE A 115 -4.81 -2.38 -4.29
C ILE A 115 -6.26 -2.60 -3.87
N GLY A 116 -6.74 -3.83 -4.09
CA GLY A 116 -8.10 -4.14 -3.71
C GLY A 116 -8.28 -4.08 -2.20
N GLU A 117 -7.32 -4.58 -1.44
CA GLU A 117 -7.41 -4.56 0.01
C GLU A 117 -7.30 -3.12 0.51
N GLN A 118 -6.46 -2.32 -0.14
CA GLN A 118 -6.30 -0.93 0.26
C GLN A 118 -7.62 -0.18 0.12
N LEU A 119 -8.33 -0.42 -0.97
CA LEU A 119 -9.60 0.24 -1.25
C LEU A 119 -10.70 -0.22 -0.30
N ALA A 120 -10.65 -1.48 0.11
CA ALA A 120 -11.64 -2.02 1.03
C ALA A 120 -11.49 -1.33 2.39
N SER A 121 -10.25 -1.19 2.84
CA SER A 121 -9.99 -0.54 4.12
C SER A 121 -10.44 0.93 4.05
N TYR A 122 -10.14 1.59 2.94
CA TYR A 122 -10.53 2.99 2.78
C TYR A 122 -12.05 3.16 2.83
N ILE A 123 -12.78 2.35 2.08
CA ILE A 123 -14.23 2.46 2.08
C ILE A 123 -14.83 2.23 3.46
N LYS A 124 -14.32 1.23 4.18
CA LYS A 124 -14.82 0.93 5.52
C LYS A 124 -14.66 2.13 6.43
N ASN A 125 -13.47 2.72 6.39
CA ASN A 125 -13.18 3.88 7.22
C ASN A 125 -14.02 5.09 6.82
N GLU A 126 -14.09 5.34 5.52
CA GLU A 126 -14.83 6.48 5.00
C GLU A 126 -16.34 6.38 5.28
N LEU A 127 -16.89 5.18 5.20
CA LEU A 127 -18.31 5.01 5.48
C LEU A 127 -18.59 5.46 6.91
N ILE A 128 -17.75 5.02 7.83
CA ILE A 128 -17.94 5.39 9.23
C ILE A 128 -17.73 6.88 9.45
N LYS A 129 -16.64 7.43 8.94
CA LYS A 129 -16.37 8.85 9.11
C LYS A 129 -17.45 9.74 8.51
N GLN A 130 -17.96 9.36 7.35
CA GLN A 130 -18.96 10.15 6.65
C GLN A 130 -20.43 9.86 6.97
N THR A 131 -20.78 8.59 7.19
CA THR A 131 -22.17 8.25 7.46
C THR A 131 -22.47 8.02 8.93
N GLY A 132 -21.42 7.86 9.74
CA GLY A 132 -21.63 7.63 11.15
C GLY A 132 -22.25 6.27 11.40
N ARG A 133 -22.16 5.40 10.39
CA ARG A 133 -22.72 4.05 10.50
C ARG A 133 -21.66 3.03 10.10
N SER A 134 -21.73 1.85 10.71
CA SER A 134 -20.78 0.79 10.41
C SER A 134 -21.26 -0.11 9.27
N THR A 135 -22.55 -0.07 8.98
CA THR A 135 -23.12 -0.88 7.92
C THR A 135 -22.90 -0.22 6.55
N GLY A 136 -22.45 -1.01 5.57
CA GLY A 136 -22.22 -0.46 4.26
C GLY A 136 -22.48 -1.41 3.10
N ARG A 137 -23.35 -0.98 2.19
CA ARG A 137 -23.69 -1.78 1.01
C ARG A 137 -22.87 -1.28 -0.17
N ILE A 138 -22.06 -2.16 -0.74
CA ILE A 138 -21.17 -1.79 -1.84
C ILE A 138 -21.50 -2.39 -3.20
N VAL A 139 -21.44 -1.54 -4.22
CA VAL A 139 -21.66 -1.97 -5.58
C VAL A 139 -20.28 -2.00 -6.21
N GLU A 140 -19.98 -3.09 -6.90
CA GLU A 140 -18.68 -3.26 -7.54
C GLU A 140 -18.84 -3.27 -9.05
N ILE A 141 -18.11 -2.40 -9.74
CA ILE A 141 -18.16 -2.36 -11.19
C ILE A 141 -16.76 -2.74 -11.66
N THR A 142 -16.69 -3.93 -12.25
CA THR A 142 -15.42 -4.51 -12.67
C THR A 142 -14.92 -4.23 -14.08
N GLY A 143 -13.67 -4.61 -14.29
CA GLY A 143 -13.04 -4.45 -15.58
C GLY A 143 -13.36 -5.67 -16.43
N THR A 144 -12.66 -5.81 -17.56
CA THR A 144 -12.88 -6.91 -18.48
C THR A 144 -12.75 -8.27 -17.81
N ALA A 145 -13.67 -9.17 -18.15
CA ALA A 145 -13.73 -10.52 -17.58
C ALA A 145 -12.47 -11.36 -17.63
N ASN A 146 -12.46 -12.39 -16.77
CA ASN A 146 -11.36 -13.34 -16.60
C ASN A 146 -9.94 -12.85 -16.89
N VAL A 147 -9.67 -11.57 -16.64
CA VAL A 147 -8.33 -11.04 -16.86
C VAL A 147 -7.68 -10.89 -15.48
N TYR A 148 -6.43 -11.33 -15.37
CA TYR A 148 -5.70 -11.28 -14.11
C TYR A 148 -5.97 -10.04 -13.26
N THR A 149 -5.86 -8.87 -13.86
CA THR A 149 -6.08 -7.64 -13.11
C THR A 149 -7.46 -7.57 -12.44
N THR A 150 -8.50 -7.91 -13.19
CA THR A 150 -9.86 -7.88 -12.65
C THR A 150 -10.06 -8.82 -11.47
N ASN A 151 -9.68 -10.08 -11.65
CA ASN A 151 -9.82 -11.07 -10.59
C ASN A 151 -9.01 -10.70 -9.36
N GLU A 152 -7.80 -10.18 -9.57
CA GLU A 152 -6.92 -9.80 -8.48
C GLU A 152 -7.53 -8.65 -7.68
N ARG A 153 -8.06 -7.65 -8.37
CA ARG A 153 -8.65 -6.52 -7.68
C ARG A 153 -9.92 -6.94 -6.96
N HIS A 154 -10.64 -7.91 -7.53
CA HIS A 154 -11.86 -8.39 -6.87
C HIS A 154 -11.49 -9.19 -5.62
N ARG A 155 -10.59 -10.15 -5.80
CA ARG A 155 -10.14 -11.02 -4.71
C ARG A 155 -9.52 -10.20 -3.57
N GLY A 156 -8.72 -9.18 -3.92
CA GLY A 156 -8.10 -8.37 -2.89
C GLY A 156 -9.13 -7.63 -2.06
N PHE A 157 -10.14 -7.09 -2.72
CA PHE A 157 -11.21 -6.36 -2.06
C PHE A 157 -12.01 -7.28 -1.14
N LEU A 158 -12.31 -8.49 -1.62
CA LEU A 158 -13.06 -9.43 -0.80
C LEU A 158 -12.27 -9.75 0.47
N LYS A 159 -10.96 -9.93 0.32
CA LYS A 159 -10.11 -10.23 1.48
C LYS A 159 -10.18 -9.06 2.46
N GLY A 160 -10.26 -7.85 1.93
CA GLY A 160 -10.32 -6.68 2.79
C GLY A 160 -11.59 -6.46 3.57
N ILE A 161 -12.66 -7.16 3.22
CA ILE A 161 -13.93 -7.01 3.94
C ILE A 161 -14.40 -8.32 4.58
N GLU A 162 -13.64 -9.39 4.36
CA GLU A 162 -13.99 -10.71 4.88
C GLU A 162 -14.31 -10.74 6.38
N ASN A 163 -13.66 -9.87 7.15
CA ASN A 163 -13.90 -9.84 8.59
C ASN A 163 -14.85 -8.72 9.01
N GLU A 164 -15.57 -8.16 8.05
CA GLU A 164 -16.52 -7.10 8.35
C GLU A 164 -17.92 -7.58 7.98
N PRO A 165 -18.63 -8.17 8.93
CA PRO A 165 -19.99 -8.68 8.70
C PRO A 165 -21.01 -7.62 8.31
N THR A 166 -20.70 -6.35 8.61
CA THR A 166 -21.61 -5.25 8.29
C THR A 166 -21.35 -4.66 6.90
N LEU A 167 -20.30 -5.12 6.24
CA LEU A 167 -19.97 -4.65 4.89
C LEU A 167 -20.22 -5.74 3.89
N SER A 168 -20.92 -5.42 2.80
CA SER A 168 -21.17 -6.42 1.78
C SER A 168 -21.37 -5.84 0.39
N ILE A 169 -20.96 -6.62 -0.60
CA ILE A 169 -21.09 -6.26 -1.99
C ILE A 169 -22.49 -6.68 -2.41
N VAL A 170 -23.37 -5.71 -2.56
CA VAL A 170 -24.75 -5.98 -2.94
C VAL A 170 -24.95 -6.24 -4.42
N ASP A 171 -23.96 -5.88 -5.24
CA ASP A 171 -24.07 -6.08 -6.68
C ASP A 171 -22.70 -5.93 -7.34
N SER A 172 -22.41 -6.83 -8.27
CA SER A 172 -21.14 -6.79 -8.99
C SER A 172 -21.35 -7.03 -10.49
N VAL A 173 -21.09 -6.00 -11.29
CA VAL A 173 -21.26 -6.10 -12.74
C VAL A 173 -20.05 -5.52 -13.47
N SER A 174 -19.85 -5.91 -14.73
CA SER A 174 -18.69 -5.43 -15.48
C SER A 174 -18.85 -4.11 -16.23
N GLY A 175 -17.79 -3.29 -16.20
CA GLY A 175 -17.80 -2.02 -16.89
C GLY A 175 -16.80 -1.96 -18.04
N ASN A 176 -16.13 -3.08 -18.31
CA ASN A 176 -15.16 -3.16 -19.40
C ASN A 176 -14.09 -2.07 -19.41
N TYR A 177 -13.75 -1.51 -18.25
CA TYR A 177 -12.76 -0.44 -18.18
C TYR A 177 -13.13 0.68 -19.17
N ASP A 178 -14.43 0.83 -19.41
CA ASP A 178 -14.92 1.83 -20.35
C ASP A 178 -15.87 2.81 -19.67
N PRO A 179 -15.67 4.13 -19.89
CA PRO A 179 -16.52 5.16 -19.29
C PRO A 179 -18.00 5.07 -19.70
N VAL A 180 -18.24 4.87 -20.99
CA VAL A 180 -19.61 4.79 -21.47
C VAL A 180 -20.30 3.54 -20.94
N THR A 181 -19.65 2.39 -21.10
CA THR A 181 -20.20 1.13 -20.61
C THR A 181 -20.53 1.26 -19.12
N SER A 182 -19.59 1.84 -18.37
CA SER A 182 -19.77 2.01 -16.94
C SER A 182 -20.94 2.90 -16.55
N GLU A 183 -21.13 3.99 -17.29
CA GLU A 183 -22.25 4.88 -16.99
C GLU A 183 -23.56 4.13 -17.21
N ARG A 184 -23.65 3.39 -18.31
CA ARG A 184 -24.86 2.62 -18.63
C ARG A 184 -25.13 1.55 -17.58
N VAL A 185 -24.09 0.80 -17.23
CA VAL A 185 -24.21 -0.26 -16.26
C VAL A 185 -24.57 0.31 -14.87
N MSE A 186 -23.94 1.42 -14.51
CA MSE A 186 -24.23 2.04 -13.23
C MSE A 186 -25.67 2.56 -13.24
O MSE A 186 -26.37 2.49 -12.22
CB MSE A 186 -23.29 3.22 -12.96
CG MSE A 186 -23.48 3.85 -11.58
SE MSE A 186 -22.98 2.65 -10.13
CE MSE A 186 -24.57 2.87 -9.02
N ARG A 187 -26.11 3.09 -14.38
CA ARG A 187 -27.48 3.59 -14.49
C ARG A 187 -28.45 2.43 -14.33
N GLN A 188 -28.07 1.25 -14.81
CA GLN A 188 -28.92 0.06 -14.69
C GLN A 188 -29.04 -0.32 -13.21
N VAL A 189 -27.93 -0.21 -12.49
CA VAL A 189 -27.89 -0.52 -11.06
C VAL A 189 -28.85 0.41 -10.32
N ILE A 190 -28.79 1.70 -10.68
CA ILE A 190 -29.64 2.71 -10.09
C ILE A 190 -31.12 2.40 -10.35
N ASP A 191 -31.44 1.98 -11.57
CA ASP A 191 -32.81 1.68 -11.91
C ASP A 191 -33.32 0.37 -11.33
N SER A 192 -32.41 -0.49 -10.88
CA SER A 192 -32.83 -1.76 -10.28
C SER A 192 -33.36 -1.47 -8.87
N GLY A 193 -33.10 -0.26 -8.37
CA GLY A 193 -33.56 0.12 -7.05
C GLY A 193 -32.82 -0.49 -5.87
N ILE A 194 -31.63 -1.04 -6.13
CA ILE A 194 -30.83 -1.65 -5.08
C ILE A 194 -30.20 -0.59 -4.18
N PRO A 195 -30.32 -0.74 -2.85
CA PRO A 195 -29.73 0.24 -1.94
C PRO A 195 -28.20 0.09 -1.90
N PHE A 196 -27.48 1.20 -1.93
CA PHE A 196 -26.03 1.12 -1.84
C PHE A 196 -25.43 2.38 -1.24
N ASP A 197 -24.26 2.23 -0.62
CA ASP A 197 -23.60 3.36 0.03
C ASP A 197 -22.29 3.74 -0.63
N ALA A 198 -21.71 2.82 -1.39
CA ALA A 198 -20.43 3.10 -2.03
C ALA A 198 -20.25 2.29 -3.31
N VAL A 199 -19.34 2.75 -4.15
CA VAL A 199 -19.09 2.05 -5.39
C VAL A 199 -17.60 1.84 -5.58
N TYR A 200 -17.23 0.57 -5.72
CA TYR A 200 -15.85 0.18 -5.91
C TYR A 200 -15.66 0.02 -7.42
N CYS A 201 -14.89 0.93 -8.02
CA CYS A 201 -14.65 0.88 -9.46
C CYS A 201 -13.27 0.27 -9.72
N HIS A 202 -13.19 -0.72 -10.62
CA HIS A 202 -11.90 -1.34 -10.88
C HIS A 202 -10.85 -0.45 -11.56
N ASN A 203 -11.26 0.72 -12.04
CA ASN A 203 -10.30 1.67 -12.62
C ASN A 203 -10.94 3.04 -12.78
N ASP A 204 -10.12 4.04 -13.07
CA ASP A 204 -10.60 5.42 -13.19
C ASP A 204 -11.55 5.69 -14.35
N ASP A 205 -11.45 4.93 -15.43
CA ASP A 205 -12.36 5.12 -16.55
C ASP A 205 -13.77 4.69 -16.13
N ILE A 206 -13.83 3.59 -15.37
CA ILE A 206 -15.13 3.11 -14.86
C ILE A 206 -15.68 4.19 -13.92
N ALA A 207 -14.80 4.75 -13.09
CA ALA A 207 -15.20 5.78 -12.15
C ALA A 207 -15.83 6.98 -12.86
N MSE A 208 -15.23 7.37 -13.98
CA MSE A 208 -15.77 8.49 -14.76
C MSE A 208 -17.22 8.20 -15.13
O MSE A 208 -18.10 9.02 -14.91
CB MSE A 208 -14.95 8.68 -16.05
CG MSE A 208 -13.54 9.21 -15.84
SE MSE A 208 -13.50 11.13 -15.66
CE MSE A 208 -13.90 11.25 -13.77
N GLY A 209 -17.46 7.03 -15.70
CA GLY A 209 -18.81 6.66 -16.09
C GLY A 209 -19.75 6.61 -14.89
N VAL A 210 -19.25 6.09 -13.78
CA VAL A 210 -20.05 6.00 -12.58
C VAL A 210 -20.46 7.38 -12.07
N LEU A 211 -19.51 8.31 -12.04
CA LEU A 211 -19.80 9.67 -11.59
C LEU A 211 -20.87 10.30 -12.48
N GLU A 212 -20.75 10.07 -13.78
CA GLU A 212 -21.69 10.62 -14.73
C GLU A 212 -23.10 10.07 -14.50
N ALA A 213 -23.18 8.76 -14.25
CA ALA A 213 -24.47 8.11 -14.00
C ALA A 213 -25.13 8.67 -12.73
N LEU A 214 -24.36 8.79 -11.66
CA LEU A 214 -24.87 9.32 -10.39
C LEU A 214 -25.29 10.79 -10.55
N LYS A 215 -24.48 11.56 -11.27
CA LYS A 215 -24.78 12.97 -11.49
C LYS A 215 -26.13 13.12 -12.18
N LYS A 216 -26.31 12.44 -13.31
CA LYS A 216 -27.56 12.51 -14.06
C LYS A 216 -28.77 11.93 -13.32
N ALA A 217 -28.52 11.06 -12.35
CA ALA A 217 -29.59 10.45 -11.59
C ALA A 217 -29.88 11.28 -10.33
N LYS A 218 -29.10 12.33 -10.14
CA LYS A 218 -29.24 13.23 -9.00
C LYS A 218 -29.05 12.49 -7.68
N ILE A 219 -28.09 11.58 -7.65
CA ILE A 219 -27.81 10.83 -6.44
C ILE A 219 -26.50 11.33 -5.85
N SER A 220 -26.56 11.80 -4.62
CA SER A 220 -25.37 12.31 -3.95
C SER A 220 -25.03 11.50 -2.71
N GLY A 221 -23.90 11.86 -2.10
CA GLY A 221 -23.47 11.21 -0.87
C GLY A 221 -22.84 9.82 -0.95
N LYS A 222 -22.70 9.25 -2.14
CA LYS A 222 -22.11 7.92 -2.24
C LYS A 222 -20.58 8.03 -2.28
N ILE A 223 -19.92 7.07 -1.64
CA ILE A 223 -18.46 7.03 -1.60
C ILE A 223 -18.02 6.30 -2.88
N VAL A 224 -17.26 7.00 -3.72
CA VAL A 224 -16.81 6.41 -4.98
C VAL A 224 -15.28 6.42 -5.08
N VAL A 225 -14.72 5.26 -5.42
CA VAL A 225 -13.28 5.11 -5.56
C VAL A 225 -12.88 4.43 -6.86
N GLY A 226 -11.68 4.77 -7.35
CA GLY A 226 -11.19 4.18 -8.58
C GLY A 226 -9.75 3.74 -8.47
N ILE A 227 -9.16 3.39 -9.61
CA ILE A 227 -7.77 2.95 -9.67
C ILE A 227 -7.09 3.44 -10.95
N ASP A 228 -5.85 3.91 -10.79
CA ASP A 228 -4.98 4.40 -11.88
C ASP A 228 -4.28 5.70 -11.50
N GLY A 229 -5.07 6.68 -11.09
CA GLY A 229 -4.51 7.98 -10.74
C GLY A 229 -4.47 8.87 -11.94
N ASN A 230 -5.44 8.72 -12.85
CA ASN A 230 -5.48 9.56 -14.05
C ASN A 230 -5.83 10.99 -13.65
N ARG A 231 -5.29 11.95 -14.40
CA ARG A 231 -5.51 13.36 -14.12
C ARG A 231 -6.97 13.72 -13.82
N ALA A 232 -7.87 13.33 -14.71
CA ALA A 232 -9.29 13.63 -14.53
C ALA A 232 -9.81 13.20 -13.16
N ILE A 233 -9.44 12.00 -12.73
CA ILE A 233 -9.89 11.51 -11.44
C ILE A 233 -9.18 12.19 -10.28
N LEU A 234 -7.89 12.48 -10.43
CA LEU A 234 -7.18 13.15 -9.36
C LEU A 234 -7.88 14.48 -9.09
N GLU A 235 -8.24 15.18 -10.17
CA GLU A 235 -8.93 16.46 -10.06
C GLU A 235 -10.31 16.28 -9.44
N ALA A 236 -11.00 15.21 -9.83
CA ALA A 236 -12.33 14.95 -9.31
C ALA A 236 -12.30 14.78 -7.80
N VAL A 237 -11.33 14.02 -7.31
CA VAL A 237 -11.22 13.79 -5.87
C VAL A 237 -10.82 15.08 -5.15
N ASP A 238 -10.01 15.90 -5.79
CA ASP A 238 -9.61 17.16 -5.16
C ASP A 238 -10.85 18.00 -4.90
N MSE A 239 -11.74 18.05 -5.89
CA MSE A 239 -12.98 18.83 -5.79
C MSE A 239 -14.04 18.09 -5.00
O MSE A 239 -15.18 18.55 -4.90
CB MSE A 239 -13.51 19.14 -7.19
CG MSE A 239 -12.50 19.78 -8.11
SE MSE A 239 -13.25 20.20 -9.84
CE MSE A 239 -13.32 22.12 -9.69
N LYS A 240 -13.67 16.95 -4.43
CA LYS A 240 -14.60 16.15 -3.64
C LYS A 240 -15.80 15.62 -4.46
N SER A 241 -15.66 15.54 -5.78
CA SER A 241 -16.74 15.00 -6.60
C SER A 241 -16.62 13.49 -6.43
N MSE A 242 -15.42 13.07 -6.05
CA MSE A 242 -15.10 11.67 -5.84
C MSE A 242 -14.30 11.60 -4.56
O MSE A 242 -13.78 12.61 -4.10
CB MSE A 242 -14.27 11.16 -7.01
CG MSE A 242 -14.71 9.83 -7.53
SE MSE A 242 -13.57 9.38 -8.98
CE MSE A 242 -12.63 7.88 -8.18
N ASP A 243 -14.18 10.40 -3.99
CA ASP A 243 -13.47 10.22 -2.73
C ASP A 243 -11.98 9.86 -2.81
N ALA A 244 -11.62 8.91 -3.67
CA ALA A 244 -10.23 8.51 -3.77
C ALA A 244 -9.94 7.55 -4.92
N THR A 245 -8.66 7.43 -5.25
CA THR A 245 -8.19 6.53 -6.30
C THR A 245 -6.80 6.04 -5.90
N VAL A 246 -6.43 4.84 -6.34
CA VAL A 246 -5.12 4.31 -6.05
C VAL A 246 -4.25 4.55 -7.29
N VAL A 247 -3.20 5.35 -7.11
CA VAL A 247 -2.31 5.69 -8.20
C VAL A 247 -1.27 4.62 -8.50
N GLN A 248 -1.17 4.22 -9.77
CA GLN A 248 -0.18 3.23 -10.21
C GLN A 248 0.96 4.03 -10.86
N SER A 249 2.08 3.36 -11.14
CA SER A 249 3.21 4.03 -11.77
C SER A 249 3.67 3.32 -13.03
N ALA A 250 3.25 3.85 -14.17
CA ALA A 250 3.61 3.29 -15.46
C ALA A 250 5.11 3.43 -15.61
N GLU A 251 5.66 4.54 -15.12
CA GLU A 251 7.10 4.78 -15.20
C GLU A 251 7.89 3.69 -14.49
N GLU A 252 7.47 3.37 -13.27
CA GLU A 252 8.14 2.35 -12.48
C GLU A 252 8.10 0.99 -13.15
N MSE A 253 6.95 0.67 -13.75
CA MSE A 253 6.80 -0.62 -14.42
C MSE A 253 7.81 -0.74 -15.55
O MSE A 253 8.44 -1.79 -15.73
CB MSE A 253 5.39 -0.77 -14.98
CG MSE A 253 4.33 -1.03 -13.93
SE MSE A 253 2.57 -1.23 -14.71
CE MSE A 253 1.52 -0.54 -13.24
N MSE A 254 7.99 0.32 -16.33
CA MSE A 254 8.94 0.29 -17.42
C MSE A 254 10.39 0.24 -16.91
O MSE A 254 11.19 -0.51 -17.43
CB MSE A 254 8.76 1.52 -18.34
CG MSE A 254 7.46 1.49 -19.17
SE MSE A 254 7.16 -0.20 -20.11
CE MSE A 254 5.26 -0.07 -20.43
N LYS A 255 10.70 1.03 -15.88
CA LYS A 255 12.06 1.02 -15.34
C LYS A 255 12.45 -0.38 -14.90
N VAL A 256 11.55 -1.03 -14.17
CA VAL A 256 11.81 -2.38 -13.70
C VAL A 256 11.91 -3.32 -14.90
N ALA A 257 11.04 -3.11 -15.89
CA ALA A 257 11.03 -3.96 -17.09
C ALA A 257 12.36 -3.91 -17.84
N PHE A 258 12.88 -2.71 -18.07
CA PHE A 258 14.16 -2.58 -18.76
C PHE A 258 15.32 -3.13 -17.93
N SER A 259 15.22 -2.99 -16.61
CA SER A 259 16.26 -3.52 -15.73
C SER A 259 16.25 -5.04 -15.80
N ALA A 260 15.04 -5.61 -15.89
CA ALA A 260 14.88 -7.05 -15.98
C ALA A 260 15.47 -7.52 -17.31
N LEU A 261 15.20 -6.78 -18.37
CA LEU A 261 15.72 -7.10 -19.70
C LEU A 261 17.25 -7.22 -19.60
N LYS A 262 17.87 -6.26 -18.92
CA LYS A 262 19.31 -6.27 -18.76
C LYS A 262 19.83 -7.54 -18.09
N LEU A 263 19.24 -7.91 -16.96
CA LEU A 263 19.66 -9.12 -16.25
C LEU A 263 19.44 -10.37 -17.10
N HIS A 264 18.36 -10.38 -17.86
CA HIS A 264 18.04 -11.49 -18.73
C HIS A 264 19.13 -11.72 -19.77
N THR A 265 19.67 -10.62 -20.30
CA THR A 265 20.72 -10.71 -21.31
C THR A 265 22.02 -11.26 -20.74
N LYS A 266 22.23 -11.05 -19.45
CA LYS A 266 23.43 -11.55 -18.80
C LYS A 266 23.20 -12.99 -18.31
N ASN A 267 22.09 -13.55 -18.79
CA ASN A 267 21.68 -14.91 -18.47
C ASN A 267 21.52 -15.14 -16.97
N LYS A 268 21.05 -14.10 -16.28
CA LYS A 268 20.85 -14.15 -14.84
C LYS A 268 19.45 -14.68 -14.49
N LYS A 269 19.30 -15.11 -13.24
CA LYS A 269 18.05 -15.63 -12.73
C LYS A 269 17.10 -14.43 -12.60
N ILE A 270 15.86 -14.59 -13.05
CA ILE A 270 14.93 -13.48 -12.97
C ILE A 270 13.57 -13.89 -12.40
N PRO A 271 13.08 -13.15 -11.40
CA PRO A 271 11.79 -13.43 -10.77
C PRO A 271 10.69 -13.46 -11.84
N ASP A 272 9.71 -14.35 -11.65
CA ASP A 272 8.61 -14.46 -12.61
C ASP A 272 7.77 -13.19 -12.61
N ARG A 273 7.83 -12.44 -11.51
CA ARG A 273 7.05 -11.22 -11.40
C ARG A 273 7.67 -10.15 -10.50
N PHE A 274 7.30 -8.92 -10.77
CA PHE A 274 7.76 -7.75 -10.02
C PHE A 274 6.50 -6.95 -9.73
N TYR A 275 6.38 -6.40 -8.53
CA TYR A 275 5.23 -5.56 -8.20
C TYR A 275 5.72 -4.14 -8.00
N THR A 276 5.06 -3.19 -8.65
CA THR A 276 5.43 -1.80 -8.50
C THR A 276 4.54 -1.17 -7.45
N TYR A 277 5.03 -0.11 -6.81
CA TYR A 277 4.29 0.54 -5.75
C TYR A 277 3.04 1.32 -6.21
N SER A 278 2.03 1.31 -5.34
CA SER A 278 0.77 2.01 -5.59
C SER A 278 0.30 2.57 -4.25
N TYR A 279 -0.24 3.79 -4.28
CA TYR A 279 -0.71 4.43 -3.07
C TYR A 279 -2.08 5.06 -3.22
N LEU A 280 -2.76 5.17 -2.10
CA LEU A 280 -4.08 5.76 -2.04
C LEU A 280 -3.99 7.28 -2.12
N TYR A 281 -4.70 7.86 -3.09
CA TYR A 281 -4.73 9.31 -3.25
C TYR A 281 -6.09 9.80 -2.74
N ASP A 282 -6.04 10.56 -1.65
CA ASP A 282 -7.21 11.09 -0.98
C ASP A 282 -7.60 12.50 -1.41
N ASN B 9 -16.80 14.96 27.83
CA ASN B 9 -16.10 16.26 27.61
C ASN B 9 -14.59 16.07 27.61
N ILE B 10 -14.11 14.99 28.23
CA ILE B 10 -12.67 14.73 28.33
C ILE B 10 -12.21 13.36 27.82
N VAL B 11 -11.15 13.37 27.00
CA VAL B 11 -10.56 12.14 26.48
C VAL B 11 -9.08 12.14 26.89
N GLY B 12 -8.64 11.03 27.48
CA GLY B 12 -7.26 10.94 27.90
C GLY B 12 -6.42 10.16 26.91
N PHE B 13 -5.18 10.59 26.71
CA PHE B 13 -4.26 9.90 25.81
C PHE B 13 -2.92 9.72 26.50
N THR B 14 -2.48 8.48 26.62
CA THR B 14 -1.18 8.20 27.23
C THR B 14 -0.33 7.56 26.13
N ILE B 15 0.88 8.06 25.95
CA ILE B 15 1.77 7.54 24.92
C ILE B 15 3.16 7.32 25.49
N VAL B 16 3.86 6.31 24.96
CA VAL B 16 5.18 5.92 25.42
C VAL B 16 6.14 7.05 25.75
N ASN B 17 6.14 8.13 24.97
CA ASN B 17 7.04 9.23 25.27
C ASN B 17 6.92 10.43 24.32
N ASP B 18 7.73 11.43 24.58
CA ASP B 18 7.80 12.67 23.79
C ASP B 18 8.96 12.63 22.81
N LYS B 19 9.82 11.64 22.94
CA LYS B 19 11.00 11.50 22.09
C LYS B 19 10.74 11.26 20.60
N HIS B 20 10.18 10.11 20.27
CA HIS B 20 9.89 9.77 18.88
C HIS B 20 9.17 10.93 18.23
N GLU B 21 9.57 11.28 17.00
CA GLU B 21 8.92 12.37 16.29
C GLU B 21 7.50 11.90 15.94
N PHE B 22 7.33 10.61 15.66
CA PHE B 22 6.01 10.13 15.32
C PHE B 22 5.08 10.20 16.52
N ALA B 23 5.65 10.05 17.72
CA ALA B 23 4.87 10.13 18.95
C ALA B 23 4.38 11.57 19.10
N GLN B 24 5.25 12.53 18.77
CA GLN B 24 4.90 13.94 18.85
C GLN B 24 3.78 14.24 17.85
N ARG B 25 3.88 13.62 16.68
CA ARG B 25 2.88 13.80 15.65
C ARG B 25 1.54 13.21 16.12
N LEU B 26 1.61 12.12 16.86
CA LEU B 26 0.37 11.51 17.37
C LEU B 26 -0.22 12.45 18.42
N ILE B 27 0.62 12.99 19.30
CA ILE B 27 0.16 13.91 20.33
C ILE B 27 -0.53 15.14 19.69
N ASN B 28 0.13 15.77 18.74
CA ASN B 28 -0.44 16.94 18.06
C ASN B 28 -1.73 16.59 17.32
N ALA B 29 -1.76 15.43 16.69
CA ALA B 29 -2.95 15.01 15.97
C ALA B 29 -4.08 14.79 16.97
N PHE B 30 -3.76 14.23 18.13
CA PHE B 30 -4.74 13.98 19.18
C PHE B 30 -5.37 15.28 19.65
N LYS B 31 -4.53 16.25 19.98
CA LYS B 31 -5.02 17.54 20.45
C LYS B 31 -5.95 18.20 19.43
N ALA B 32 -5.52 18.22 18.17
CA ALA B 32 -6.32 18.82 17.12
C ALA B 32 -7.68 18.13 16.94
N GLU B 33 -7.67 16.80 16.82
CA GLU B 33 -8.93 16.09 16.64
C GLU B 33 -9.87 16.13 17.84
N ALA B 34 -9.33 16.11 19.05
CA ALA B 34 -10.19 16.17 20.23
C ALA B 34 -10.98 17.48 20.16
N LYS B 35 -10.25 18.57 19.95
CA LYS B 35 -10.88 19.89 19.84
C LYS B 35 -11.93 19.89 18.73
N ALA B 36 -11.56 19.35 17.58
CA ALA B 36 -12.48 19.29 16.43
C ALA B 36 -13.73 18.48 16.79
N ASN B 37 -13.62 17.62 17.78
CA ASN B 37 -14.76 16.80 18.21
C ASN B 37 -15.39 17.27 19.52
N LYS B 38 -15.01 18.48 19.94
CA LYS B 38 -15.52 19.09 21.16
C LYS B 38 -15.20 18.36 22.47
N TYR B 39 -14.02 17.77 22.55
CA TYR B 39 -13.58 17.09 23.76
C TYR B 39 -12.34 17.82 24.26
N GLU B 40 -12.14 17.84 25.56
CA GLU B 40 -10.95 18.45 26.14
C GLU B 40 -9.89 17.37 26.04
N ALA B 41 -8.71 17.73 25.55
CA ALA B 41 -7.64 16.76 25.41
C ALA B 41 -6.73 16.76 26.64
N LEU B 42 -6.56 15.58 27.25
CA LEU B 42 -5.65 15.46 28.39
C LEU B 42 -4.54 14.53 27.90
N VAL B 43 -3.33 15.07 27.80
CA VAL B 43 -2.21 14.26 27.31
C VAL B 43 -1.23 13.89 28.41
N ALA B 44 -0.82 12.63 28.41
CA ALA B 44 0.14 12.13 29.38
C ALA B 44 1.19 11.29 28.67
N THR B 45 2.46 11.49 29.04
CA THR B 45 3.58 10.74 28.47
C THR B 45 4.19 9.90 29.59
N SER B 46 4.47 8.64 29.30
CA SER B 46 5.03 7.74 30.29
C SER B 46 6.56 7.78 30.34
N GLN B 47 7.16 8.47 29.39
CA GLN B 47 8.60 8.60 29.29
C GLN B 47 9.28 7.24 29.42
N ASN B 48 8.71 6.25 28.75
CA ASN B 48 9.24 4.88 28.75
C ASN B 48 9.22 4.17 30.09
N SER B 49 8.18 4.44 30.87
CA SER B 49 8.01 3.80 32.16
C SER B 49 6.64 3.14 32.20
N ARG B 50 6.63 1.80 32.25
CA ARG B 50 5.38 1.07 32.29
C ARG B 50 4.58 1.44 33.53
N ILE B 51 5.27 1.62 34.65
CA ILE B 51 4.59 1.99 35.90
C ILE B 51 3.82 3.29 35.66
N SER B 52 4.49 4.27 35.08
CA SER B 52 3.86 5.55 34.81
C SER B 52 2.68 5.42 33.85
N GLU B 53 2.80 4.55 32.85
CA GLU B 53 1.70 4.36 31.91
C GLU B 53 0.51 3.75 32.64
N ARG B 54 0.77 2.76 33.48
CA ARG B 54 -0.32 2.11 34.22
C ARG B 54 -1.05 3.12 35.09
N GLU B 55 -0.29 3.92 35.82
CA GLU B 55 -0.88 4.93 36.70
C GLU B 55 -1.64 5.98 35.92
N GLN B 56 -1.16 6.32 34.73
CA GLN B 56 -1.84 7.32 33.91
C GLN B 56 -3.21 6.78 33.48
N ILE B 57 -3.27 5.51 33.13
CA ILE B 57 -4.54 4.91 32.75
C ILE B 57 -5.47 4.90 33.97
N LEU B 58 -4.95 4.50 35.12
CA LEU B 58 -5.76 4.48 36.33
C LEU B 58 -6.24 5.87 36.73
N GLU B 59 -5.42 6.88 36.47
CA GLU B 59 -5.79 8.25 36.80
C GLU B 59 -6.95 8.68 35.87
N PHE B 60 -6.87 8.31 34.60
CA PHE B 60 -7.94 8.66 33.66
C PHE B 60 -9.25 8.06 34.14
N VAL B 61 -9.18 6.84 34.67
CA VAL B 61 -10.38 6.18 35.18
C VAL B 61 -10.86 6.97 36.40
N HIS B 62 -9.95 7.24 37.34
CA HIS B 62 -10.30 8.00 38.53
C HIS B 62 -10.99 9.31 38.15
N LEU B 63 -10.53 9.93 37.06
CA LEU B 63 -11.11 11.19 36.60
C LEU B 63 -12.41 11.00 35.82
N LYS B 64 -12.78 9.75 35.58
CA LYS B 64 -14.00 9.45 34.85
C LYS B 64 -14.06 10.15 33.48
N VAL B 65 -13.00 10.01 32.71
CA VAL B 65 -12.97 10.60 31.37
C VAL B 65 -13.96 9.85 30.48
N ASP B 66 -14.32 10.46 29.35
CA ASP B 66 -15.24 9.85 28.41
C ASP B 66 -14.61 8.71 27.63
N ALA B 67 -13.29 8.76 27.45
CA ALA B 67 -12.58 7.71 26.71
C ALA B 67 -11.08 7.79 26.94
N ILE B 68 -10.41 6.66 26.73
CA ILE B 68 -8.96 6.58 26.90
C ILE B 68 -8.31 6.05 25.62
N PHE B 69 -7.34 6.81 25.11
CA PHE B 69 -6.59 6.42 23.92
C PHE B 69 -5.23 6.01 24.45
N ILE B 70 -4.66 4.96 23.86
CA ILE B 70 -3.37 4.47 24.31
C ILE B 70 -2.41 4.02 23.21
N THR B 71 -1.16 4.44 23.34
CA THR B 71 -0.10 4.01 22.43
C THR B 71 0.83 3.44 23.49
N THR B 72 0.64 2.15 23.76
CA THR B 72 1.35 1.44 24.80
C THR B 72 2.80 1.03 24.64
N LEU B 73 3.41 0.88 25.79
CA LEU B 73 4.81 0.49 25.91
C LEU B 73 4.85 -1.04 26.02
N ASP B 74 3.76 -1.60 26.56
CA ASP B 74 3.66 -3.05 26.81
C ASP B 74 2.18 -3.30 27.09
N ASP B 75 1.46 -3.86 26.13
CA ASP B 75 0.03 -4.07 26.32
C ASP B 75 -0.34 -5.05 27.44
N VAL B 76 0.56 -5.97 27.75
CA VAL B 76 0.29 -6.94 28.82
C VAL B 76 0.33 -6.28 30.20
N TYR B 77 1.34 -5.45 30.43
CA TYR B 77 1.51 -4.79 31.71
C TYR B 77 0.31 -3.94 32.17
N ILE B 78 -0.42 -3.35 31.22
CA ILE B 78 -1.58 -2.51 31.54
C ILE B 78 -2.92 -3.25 31.46
N GLY B 79 -2.85 -4.57 31.27
CA GLY B 79 -4.06 -5.37 31.17
C GLY B 79 -5.11 -5.11 32.24
N SER B 80 -4.72 -5.20 33.51
CA SER B 80 -5.66 -4.98 34.61
C SER B 80 -6.14 -3.54 34.70
N ALA B 81 -5.28 -2.59 34.36
CA ALA B 81 -5.65 -1.18 34.40
C ALA B 81 -6.72 -0.92 33.34
N ILE B 82 -6.56 -1.50 32.16
CA ILE B 82 -7.54 -1.32 31.08
C ILE B 82 -8.83 -2.01 31.45
N GLU B 83 -8.74 -3.13 32.15
CA GLU B 83 -9.94 -3.84 32.55
C GLU B 83 -10.69 -2.98 33.56
N GLU B 84 -9.95 -2.15 34.30
CA GLU B 84 -10.53 -1.25 35.29
C GLU B 84 -11.35 -0.20 34.54
N ALA B 85 -10.83 0.25 33.40
CA ALA B 85 -11.55 1.24 32.59
C ALA B 85 -12.84 0.60 32.07
N LYS B 86 -12.72 -0.63 31.58
CA LYS B 86 -13.88 -1.35 31.07
C LYS B 86 -14.94 -1.46 32.18
N LYS B 87 -14.52 -1.87 33.38
CA LYS B 87 -15.44 -2.02 34.50
C LYS B 87 -16.22 -0.72 34.75
N ALA B 88 -15.56 0.42 34.56
CA ALA B 88 -16.19 1.72 34.77
C ALA B 88 -16.99 2.19 33.57
N GLY B 89 -17.05 1.36 32.52
CA GLY B 89 -17.79 1.74 31.33
C GLY B 89 -17.06 2.77 30.49
N ILE B 90 -15.74 2.82 30.63
CA ILE B 90 -14.93 3.77 29.88
C ILE B 90 -14.27 3.08 28.69
N PRO B 91 -14.65 3.48 27.46
CA PRO B 91 -14.08 2.88 26.25
C PRO B 91 -12.61 3.22 26.04
N VAL B 92 -11.80 2.20 25.73
CA VAL B 92 -10.39 2.42 25.48
C VAL B 92 -10.07 2.04 24.04
N PHE B 93 -9.29 2.90 23.38
CA PHE B 93 -8.91 2.68 22.00
C PHE B 93 -7.40 2.64 21.93
N ALA B 94 -6.87 1.63 21.23
CA ALA B 94 -5.43 1.49 21.07
C ALA B 94 -5.04 2.24 19.80
N ILE B 95 -4.02 3.07 19.88
CA ILE B 95 -3.58 3.85 18.72
C ILE B 95 -2.16 3.50 18.32
N ASP B 96 -1.95 3.27 17.02
CA ASP B 96 -0.63 2.95 16.48
C ASP B 96 -0.12 1.56 16.80
N ARG B 97 -0.33 1.11 18.04
CA ARG B 97 0.09 -0.22 18.48
C ARG B 97 -1.14 -0.95 18.98
N MSE B 98 -1.49 -2.05 18.32
CA MSE B 98 -2.66 -2.80 18.72
C MSE B 98 -2.56 -3.36 20.13
O MSE B 98 -1.48 -3.65 20.63
CB MSE B 98 -2.91 -3.95 17.75
CG MSE B 98 -4.10 -4.82 18.15
SE MSE B 98 -4.26 -6.40 17.07
CE MSE B 98 -4.72 -5.56 15.38
N ILE B 99 -3.71 -3.47 20.78
CA ILE B 99 -3.78 -4.05 22.12
C ILE B 99 -4.91 -5.08 22.02
N ARG B 100 -4.59 -6.34 22.25
CA ARG B 100 -5.59 -7.39 22.17
C ARG B 100 -6.17 -7.59 23.58
N SER B 101 -7.42 -7.20 23.74
CA SER B 101 -8.09 -7.28 25.03
C SER B 101 -9.55 -6.90 24.88
N ASP B 102 -10.43 -7.60 25.59
CA ASP B 102 -11.86 -7.29 25.52
C ASP B 102 -12.14 -5.93 26.12
N ALA B 103 -11.15 -5.36 26.80
CA ALA B 103 -11.31 -4.04 27.40
C ALA B 103 -11.07 -2.96 26.35
N VAL B 104 -10.54 -3.35 25.21
CA VAL B 104 -10.26 -2.40 24.13
C VAL B 104 -11.35 -2.50 23.07
N VAL B 105 -12.03 -1.37 22.80
CA VAL B 105 -13.10 -1.35 21.81
C VAL B 105 -12.53 -1.58 20.40
N SER B 106 -11.48 -0.85 20.04
CA SER B 106 -10.87 -0.99 18.72
C SER B 106 -9.42 -0.51 18.71
N SER B 107 -8.65 -1.02 17.75
CA SER B 107 -7.25 -0.62 17.57
C SER B 107 -7.13 0.07 16.22
N ILE B 108 -6.55 1.27 16.21
CA ILE B 108 -6.38 2.02 14.96
C ILE B 108 -4.88 2.18 14.73
N THR B 109 -4.40 1.57 13.65
CA THR B 109 -2.98 1.59 13.31
C THR B 109 -2.82 1.63 11.78
N SER B 110 -1.58 1.70 11.31
CA SER B 110 -1.33 1.65 9.86
C SER B 110 -1.48 0.15 9.60
N ASN B 111 -1.55 -0.24 8.33
CA ASN B 111 -1.61 -1.67 8.03
C ASN B 111 -0.12 -2.05 7.99
N ASN B 112 0.41 -2.34 9.16
CA ASN B 112 1.82 -2.66 9.30
C ASN B 112 2.32 -3.89 8.56
N GLN B 113 1.45 -4.88 8.36
CA GLN B 113 1.86 -6.06 7.61
C GLN B 113 1.99 -5.63 6.14
N MSE B 114 1.06 -4.82 5.67
CA MSE B 114 1.11 -4.36 4.30
C MSE B 114 2.38 -3.52 4.08
O MSE B 114 3.04 -3.62 3.05
CB MSE B 114 -0.12 -3.53 3.97
CG MSE B 114 -0.23 -3.12 2.51
SE MSE B 114 -1.80 -2.02 2.17
CE MSE B 114 -3.14 -3.41 2.27
N ILE B 115 2.73 -2.71 5.07
CA ILE B 115 3.93 -1.87 4.97
C ILE B 115 5.15 -2.76 4.78
N GLY B 116 5.24 -3.81 5.60
CA GLY B 116 6.35 -4.74 5.53
C GLY B 116 6.44 -5.32 4.13
N GLU B 117 5.30 -5.76 3.61
CA GLU B 117 5.24 -6.34 2.27
C GLU B 117 5.67 -5.36 1.19
N GLN B 118 5.21 -4.12 1.28
CA GLN B 118 5.56 -3.10 0.28
C GLN B 118 7.06 -2.82 0.27
N LEU B 119 7.66 -2.76 1.44
CA LEU B 119 9.09 -2.51 1.55
C LEU B 119 9.89 -3.67 0.98
N ALA B 120 9.38 -4.89 1.14
CA ALA B 120 10.06 -6.06 0.60
C ALA B 120 10.06 -6.00 -0.93
N SER B 121 8.90 -5.70 -1.50
CA SER B 121 8.81 -5.60 -2.95
C SER B 121 9.70 -4.43 -3.44
N TYR B 122 9.72 -3.35 -2.67
CA TYR B 122 10.51 -2.18 -3.00
C TYR B 122 12.00 -2.52 -3.08
N ILE B 123 12.50 -3.17 -2.03
CA ILE B 123 13.91 -3.56 -1.98
C ILE B 123 14.25 -4.50 -3.14
N LYS B 124 13.34 -5.43 -3.43
CA LYS B 124 13.55 -6.36 -4.54
C LYS B 124 13.76 -5.61 -5.86
N ASN B 125 12.89 -4.64 -6.13
CA ASN B 125 12.98 -3.86 -7.37
C ASN B 125 14.21 -2.98 -7.39
N GLU B 126 14.51 -2.35 -6.25
CA GLU B 126 15.68 -1.48 -6.16
C GLU B 126 16.99 -2.24 -6.33
N LEU B 127 17.01 -3.50 -5.90
CA LEU B 127 18.22 -4.30 -6.04
C LEU B 127 18.51 -4.55 -7.52
N ILE B 128 17.48 -4.91 -8.28
CA ILE B 128 17.64 -5.15 -9.71
C ILE B 128 18.02 -3.85 -10.40
N LYS B 129 17.28 -2.78 -10.11
CA LYS B 129 17.51 -1.48 -10.72
C LYS B 129 18.90 -0.91 -10.43
N GLN B 130 19.30 -0.95 -9.16
CA GLN B 130 20.58 -0.39 -8.74
C GLN B 130 21.83 -1.26 -8.84
N THR B 131 21.70 -2.56 -8.60
CA THR B 131 22.88 -3.43 -8.63
C THR B 131 22.99 -4.31 -9.86
N GLY B 132 21.89 -4.45 -10.60
CA GLY B 132 21.92 -5.29 -11.78
C GLY B 132 22.13 -6.74 -11.37
N ARG B 133 21.48 -7.13 -10.28
CA ARG B 133 21.57 -8.50 -9.79
C ARG B 133 20.26 -8.91 -9.13
N SER B 134 20.00 -10.21 -9.09
CA SER B 134 18.78 -10.73 -8.51
C SER B 134 18.98 -11.04 -7.02
N THR B 135 20.13 -11.60 -6.69
CA THR B 135 20.45 -11.96 -5.32
C THR B 135 20.33 -10.76 -4.39
N GLY B 136 19.71 -10.97 -3.23
CA GLY B 136 19.54 -9.90 -2.27
C GLY B 136 19.75 -10.37 -0.84
N ARG B 137 20.72 -9.77 -0.17
CA ARG B 137 21.04 -10.10 1.22
C ARG B 137 20.58 -8.94 2.10
N ILE B 138 19.56 -9.21 2.91
CA ILE B 138 18.96 -8.19 3.76
C ILE B 138 19.22 -8.32 5.26
N VAL B 139 19.52 -7.20 5.89
CA VAL B 139 19.72 -7.15 7.33
C VAL B 139 18.50 -6.42 7.87
N GLU B 140 17.86 -7.02 8.88
CA GLU B 140 16.67 -6.44 9.48
C GLU B 140 16.96 -5.94 10.89
N ILE B 141 16.76 -4.65 11.12
CA ILE B 141 16.95 -4.06 12.45
C ILE B 141 15.53 -3.84 12.93
N THR B 142 15.06 -4.74 13.79
CA THR B 142 13.69 -4.70 14.28
C THR B 142 13.36 -3.70 15.38
N GLY B 143 12.07 -3.54 15.61
CA GLY B 143 11.61 -2.64 16.65
C GLY B 143 11.59 -3.38 17.97
N THR B 144 11.13 -2.71 19.01
CA THR B 144 11.05 -3.30 20.34
C THR B 144 10.21 -4.57 20.24
N ALA B 145 10.71 -5.67 20.81
CA ALA B 145 10.00 -6.94 20.75
C ALA B 145 8.76 -6.90 21.65
N ASN B 146 7.79 -7.77 21.36
CA ASN B 146 6.56 -7.84 22.16
C ASN B 146 5.69 -6.58 22.00
N VAL B 147 5.77 -5.98 20.83
CA VAL B 147 4.98 -4.81 20.46
C VAL B 147 4.41 -5.25 19.11
N TYR B 148 3.09 -5.30 19.02
CA TYR B 148 2.46 -5.76 17.79
C TYR B 148 2.93 -5.10 16.51
N THR B 149 3.22 -3.80 16.56
CA THR B 149 3.68 -3.11 15.37
C THR B 149 4.97 -3.74 14.86
N THR B 150 5.80 -4.21 15.78
CA THR B 150 7.05 -4.87 15.41
C THR B 150 6.77 -6.22 14.77
N ASN B 151 5.96 -7.04 15.44
CA ASN B 151 5.63 -8.36 14.92
C ASN B 151 5.00 -8.26 13.53
N GLU B 152 4.09 -7.32 13.35
CA GLU B 152 3.42 -7.14 12.07
C GLU B 152 4.36 -6.72 10.94
N ARG B 153 5.27 -5.79 11.24
CA ARG B 153 6.22 -5.32 10.24
C ARG B 153 7.20 -6.42 9.86
N HIS B 154 7.53 -7.28 10.82
CA HIS B 154 8.43 -8.38 10.52
C HIS B 154 7.72 -9.40 9.64
N ARG B 155 6.52 -9.81 10.06
CA ARG B 155 5.73 -10.79 9.31
C ARG B 155 5.43 -10.34 7.87
N GLY B 156 4.99 -9.09 7.72
CA GLY B 156 4.70 -8.57 6.39
C GLY B 156 5.90 -8.66 5.47
N PHE B 157 7.07 -8.30 5.97
CA PHE B 157 8.29 -8.35 5.17
C PHE B 157 8.62 -9.79 4.81
N LEU B 158 8.59 -10.70 5.79
CA LEU B 158 8.87 -12.11 5.52
C LEU B 158 7.93 -12.62 4.43
N LYS B 159 6.67 -12.23 4.55
CA LYS B 159 5.65 -12.62 3.58
C LYS B 159 6.05 -12.11 2.18
N GLY B 160 6.64 -10.92 2.14
CA GLY B 160 7.04 -10.36 0.86
C GLY B 160 8.23 -11.04 0.22
N ILE B 161 8.99 -11.81 0.99
CA ILE B 161 10.16 -12.48 0.43
C ILE B 161 10.11 -14.00 0.54
N GLU B 162 9.04 -14.55 1.12
CA GLU B 162 8.90 -15.99 1.27
C GLU B 162 9.01 -16.73 -0.06
N ASN B 163 8.37 -16.20 -1.09
CA ASN B 163 8.41 -16.83 -2.41
C ASN B 163 9.47 -16.21 -3.32
N GLU B 164 10.54 -15.70 -2.73
CA GLU B 164 11.62 -15.08 -3.49
C GLU B 164 12.97 -15.74 -3.15
N PRO B 165 13.28 -16.86 -3.82
CA PRO B 165 14.54 -17.59 -3.60
C PRO B 165 15.80 -16.73 -3.64
N THR B 166 15.80 -15.70 -4.47
CA THR B 166 16.95 -14.83 -4.58
C THR B 166 17.07 -13.83 -3.44
N LEU B 167 16.08 -13.82 -2.54
CA LEU B 167 16.07 -12.91 -1.41
C LEU B 167 15.98 -13.58 -0.05
N SER B 168 16.80 -13.12 0.89
CA SER B 168 16.81 -13.68 2.24
C SER B 168 17.31 -12.68 3.28
N ILE B 169 16.93 -12.93 4.53
CA ILE B 169 17.37 -12.09 5.64
C ILE B 169 18.60 -12.81 6.20
N VAL B 170 19.74 -12.13 6.26
CA VAL B 170 20.95 -12.75 6.77
C VAL B 170 21.27 -12.39 8.21
N ASP B 171 20.53 -11.44 8.75
CA ASP B 171 20.74 -11.01 10.12
C ASP B 171 19.57 -10.17 10.57
N SER B 172 19.07 -10.46 11.77
CA SER B 172 17.95 -9.72 12.32
C SER B 172 18.25 -9.43 13.78
N VAL B 173 18.24 -8.16 14.13
CA VAL B 173 18.49 -7.77 15.50
C VAL B 173 17.64 -6.57 15.88
N SER B 174 17.33 -6.45 17.16
CA SER B 174 16.47 -5.36 17.62
C SER B 174 17.18 -4.03 17.81
N GLY B 175 16.56 -2.99 17.27
CA GLY B 175 17.09 -1.65 17.42
C GLY B 175 16.21 -0.91 18.40
N ASN B 176 15.12 -1.58 18.81
CA ASN B 176 14.19 -1.00 19.77
C ASN B 176 13.73 0.42 19.47
N TYR B 177 13.41 0.68 18.21
CA TYR B 177 12.95 2.00 17.79
C TYR B 177 13.80 3.11 18.40
N ASP B 178 15.08 2.83 18.63
CA ASP B 178 15.97 3.83 19.22
C ASP B 178 17.24 4.03 18.40
N PRO B 179 17.53 5.29 18.04
CA PRO B 179 18.72 5.60 17.23
C PRO B 179 20.05 5.11 17.79
N VAL B 180 20.28 5.31 19.09
CA VAL B 180 21.54 4.88 19.69
C VAL B 180 21.69 3.36 19.69
N THR B 181 20.66 2.65 20.12
CA THR B 181 20.69 1.20 20.16
C THR B 181 20.91 0.65 18.74
N SER B 182 20.17 1.22 17.79
CA SER B 182 20.27 0.79 16.41
C SER B 182 21.65 1.01 15.82
N GLU B 183 22.27 2.14 16.14
CA GLU B 183 23.61 2.40 15.62
C GLU B 183 24.58 1.34 16.17
N ARG B 184 24.51 1.13 17.47
CA ARG B 184 25.39 0.16 18.10
C ARG B 184 25.20 -1.25 17.55
N VAL B 185 23.95 -1.66 17.35
CA VAL B 185 23.71 -3.00 16.85
C VAL B 185 24.02 -3.16 15.36
N MSE B 186 23.90 -2.09 14.59
CA MSE B 186 24.20 -2.14 13.17
C MSE B 186 25.72 -2.23 13.09
O MSE B 186 26.26 -2.93 12.23
CB MSE B 186 23.72 -0.86 12.47
CG MSE B 186 23.95 -0.83 10.95
SE MSE B 186 22.91 -2.15 9.96
CE MSE B 186 24.34 -3.26 9.29
N ARG B 187 26.39 -1.55 14.01
CA ARG B 187 27.86 -1.56 14.07
C ARG B 187 28.33 -2.99 14.24
N GLN B 188 27.68 -3.73 15.14
CA GLN B 188 28.02 -5.12 15.39
C GLN B 188 27.88 -5.93 14.12
N VAL B 189 26.78 -5.74 13.40
CA VAL B 189 26.54 -6.47 12.16
C VAL B 189 27.70 -6.18 11.22
N ILE B 190 28.09 -4.91 11.13
CA ILE B 190 29.18 -4.50 10.27
C ILE B 190 30.51 -5.15 10.68
N ASP B 191 30.79 -5.16 11.98
CA ASP B 191 32.02 -5.78 12.48
C ASP B 191 31.96 -7.29 12.25
N SER B 192 30.74 -7.81 12.16
CA SER B 192 30.52 -9.24 11.94
C SER B 192 31.11 -9.69 10.62
N GLY B 193 31.28 -8.76 9.69
CA GLY B 193 31.83 -9.10 8.39
C GLY B 193 30.79 -9.68 7.46
N ILE B 194 29.63 -10.01 8.00
CA ILE B 194 28.54 -10.57 7.20
C ILE B 194 28.23 -9.64 6.04
N PRO B 195 28.21 -10.17 4.81
CA PRO B 195 27.91 -9.35 3.63
C PRO B 195 26.40 -9.12 3.47
N PHE B 196 26.02 -7.88 3.20
CA PHE B 196 24.62 -7.53 3.02
C PHE B 196 24.45 -6.48 1.94
N ASP B 197 23.29 -6.48 1.30
CA ASP B 197 22.99 -5.53 0.24
C ASP B 197 21.97 -4.48 0.65
N ALA B 198 21.12 -4.83 1.63
CA ALA B 198 20.08 -3.91 2.08
C ALA B 198 19.79 -4.00 3.57
N VAL B 199 19.23 -2.93 4.11
CA VAL B 199 18.89 -2.86 5.52
C VAL B 199 17.44 -2.41 5.66
N TYR B 200 16.65 -3.26 6.28
CA TYR B 200 15.24 -2.98 6.52
C TYR B 200 15.15 -2.48 7.95
N CYS B 201 14.78 -1.21 8.14
CA CYS B 201 14.67 -0.65 9.49
C CYS B 201 13.18 -0.59 9.83
N HIS B 202 12.83 -1.00 11.04
CA HIS B 202 11.41 -0.99 11.42
C HIS B 202 10.79 0.39 11.63
N ASN B 203 11.61 1.44 11.73
CA ASN B 203 11.09 2.79 11.85
C ASN B 203 12.23 3.78 11.59
N ASP B 204 11.88 5.06 11.46
CA ASP B 204 12.88 6.09 11.16
C ASP B 204 13.92 6.36 12.24
N ASP B 205 13.60 6.11 13.51
CA ASP B 205 14.58 6.33 14.57
C ASP B 205 15.68 5.30 14.40
N ILE B 206 15.28 4.09 14.03
CA ILE B 206 16.25 3.03 13.81
C ILE B 206 17.11 3.41 12.59
N ALA B 207 16.45 3.94 11.57
CA ALA B 207 17.14 4.35 10.35
C ALA B 207 18.25 5.37 10.64
N MSE B 208 17.95 6.35 11.49
CA MSE B 208 18.94 7.37 11.83
C MSE B 208 20.19 6.72 12.42
O MSE B 208 21.31 7.14 12.15
CB MSE B 208 18.37 8.37 12.85
CG MSE B 208 17.22 9.23 12.32
SE MSE B 208 16.78 10.70 13.52
CE MSE B 208 15.71 9.74 14.81
N GLY B 209 19.99 5.68 13.22
CA GLY B 209 21.10 4.99 13.82
C GLY B 209 21.88 4.19 12.81
N VAL B 210 21.15 3.51 11.93
CA VAL B 210 21.76 2.69 10.89
C VAL B 210 22.65 3.53 9.98
N LEU B 211 22.17 4.71 9.58
CA LEU B 211 22.94 5.59 8.72
C LEU B 211 24.23 6.02 9.41
N GLU B 212 24.15 6.25 10.71
CA GLU B 212 25.31 6.66 11.48
C GLU B 212 26.32 5.52 11.46
N ALA B 213 25.85 4.29 11.71
CA ALA B 213 26.72 3.13 11.72
C ALA B 213 27.38 2.96 10.35
N LEU B 214 26.60 3.13 9.29
CA LEU B 214 27.13 2.99 7.94
C LEU B 214 28.11 4.11 7.62
N LYS B 215 27.77 5.33 8.04
CA LYS B 215 28.62 6.50 7.78
C LYS B 215 29.94 6.43 8.53
N LYS B 216 29.91 5.99 9.79
CA LYS B 216 31.13 5.89 10.58
C LYS B 216 32.01 4.76 10.09
N ALA B 217 31.39 3.68 9.62
CA ALA B 217 32.13 2.53 9.12
C ALA B 217 32.53 2.69 7.67
N LYS B 218 32.25 3.84 7.10
CA LYS B 218 32.56 4.12 5.70
C LYS B 218 32.01 3.03 4.79
N ILE B 219 30.69 2.86 4.83
CA ILE B 219 30.03 1.86 4.01
C ILE B 219 28.86 2.48 3.26
N SER B 220 28.95 2.52 1.94
CA SER B 220 27.89 3.10 1.12
C SER B 220 27.38 2.12 0.07
N GLY B 221 26.42 2.56 -0.72
CA GLY B 221 25.86 1.71 -1.76
C GLY B 221 24.80 0.74 -1.30
N LYS B 222 24.45 0.79 -0.01
CA LYS B 222 23.44 -0.12 0.53
C LYS B 222 22.04 0.49 0.45
N ILE B 223 21.06 -0.34 0.12
CA ILE B 223 19.68 0.13 0.03
C ILE B 223 19.16 0.15 1.47
N VAL B 224 18.77 1.33 1.95
CA VAL B 224 18.27 1.47 3.31
C VAL B 224 16.87 2.06 3.33
N VAL B 225 15.97 1.42 4.07
CA VAL B 225 14.59 1.87 4.13
C VAL B 225 14.06 2.00 5.58
N GLY B 226 13.13 2.92 5.78
CA GLY B 226 12.56 3.12 7.10
C GLY B 226 11.06 3.25 7.10
N ILE B 227 10.52 3.65 8.25
CA ILE B 227 9.08 3.84 8.40
C ILE B 227 8.82 4.98 9.37
N ASP B 228 7.81 5.79 9.05
CA ASP B 228 7.34 6.93 9.83
C ASP B 228 7.17 8.21 9.02
N GLY B 229 8.21 8.60 8.28
CA GLY B 229 8.12 9.82 7.51
C GLY B 229 8.61 11.04 8.29
N ASN B 230 9.49 10.80 9.25
CA ASN B 230 10.02 11.90 10.07
C ASN B 230 10.90 12.83 9.23
N ARG B 231 10.88 14.11 9.55
CA ARG B 231 11.63 15.14 8.82
C ARG B 231 13.06 14.76 8.42
N ALA B 232 13.88 14.36 9.39
CA ALA B 232 15.27 14.01 9.10
C ALA B 232 15.40 12.87 8.08
N ILE B 233 14.45 11.94 8.09
CA ILE B 233 14.54 10.83 7.15
C ILE B 233 14.08 11.27 5.77
N LEU B 234 13.05 12.11 5.72
CA LEU B 234 12.57 12.62 4.45
C LEU B 234 13.72 13.35 3.77
N GLU B 235 14.52 14.08 4.56
CA GLU B 235 15.62 14.81 3.96
C GLU B 235 16.77 13.86 3.59
N ALA B 236 16.91 12.78 4.38
CA ALA B 236 17.95 11.81 4.09
C ALA B 236 17.66 11.20 2.72
N VAL B 237 16.38 10.89 2.47
CA VAL B 237 15.99 10.32 1.20
C VAL B 237 16.11 11.39 0.09
N ASP B 238 15.77 12.64 0.41
CA ASP B 238 15.89 13.70 -0.59
C ASP B 238 17.34 13.90 -1.03
N MSE B 239 18.26 13.75 -0.08
CA MSE B 239 19.70 13.91 -0.37
C MSE B 239 20.29 12.60 -0.87
O MSE B 239 21.48 12.51 -1.13
CB MSE B 239 20.44 14.35 0.90
CG MSE B 239 20.05 15.72 1.41
SE MSE B 239 20.59 17.14 0.20
CE MSE B 239 22.34 17.51 0.93
N LYS B 240 19.44 11.58 -0.95
CA LYS B 240 19.86 10.27 -1.42
C LYS B 240 20.86 9.55 -0.51
N SER B 241 20.78 9.83 0.79
CA SER B 241 21.64 9.16 1.76
C SER B 241 20.90 7.88 2.13
N MSE B 242 19.62 7.87 1.76
CA MSE B 242 18.71 6.76 2.02
C MSE B 242 17.76 6.63 0.85
O MSE B 242 17.47 7.61 0.17
CB MSE B 242 17.88 7.04 3.27
CG MSE B 242 18.26 6.23 4.47
SE MSE B 242 16.98 6.61 5.84
CE MSE B 242 15.66 5.25 5.41
N ASP B 243 17.26 5.43 0.64
CA ASP B 243 16.36 5.17 -0.47
C ASP B 243 14.92 5.59 -0.28
N ALA B 244 14.29 5.17 0.81
CA ALA B 244 12.88 5.52 1.04
C ALA B 244 12.36 5.26 2.45
N THR B 245 11.23 5.87 2.77
CA THR B 245 10.59 5.66 4.06
C THR B 245 9.08 5.71 3.85
N VAL B 246 8.36 4.85 4.57
CA VAL B 246 6.91 4.82 4.45
C VAL B 246 6.34 5.79 5.48
N VAL B 247 5.65 6.80 4.97
CA VAL B 247 5.03 7.82 5.78
C VAL B 247 3.71 7.37 6.38
N GLN B 248 3.63 7.35 7.70
CA GLN B 248 2.38 6.98 8.36
C GLN B 248 1.59 8.24 8.57
N SER B 249 0.30 8.10 8.86
CA SER B 249 -0.53 9.27 9.11
C SER B 249 -1.11 9.33 10.51
N ALA B 250 -0.46 10.09 11.37
CA ALA B 250 -0.93 10.29 12.73
C ALA B 250 -2.30 10.96 12.65
N GLU B 251 -2.43 11.93 11.74
CA GLU B 251 -3.70 12.62 11.60
C GLU B 251 -4.88 11.68 11.28
N GLU B 252 -4.67 10.80 10.31
CA GLU B 252 -5.72 9.86 9.90
C GLU B 252 -6.07 8.89 11.04
N MSE B 253 -5.05 8.44 11.79
CA MSE B 253 -5.31 7.53 12.91
C MSE B 253 -6.26 8.18 13.93
O MSE B 253 -7.22 7.55 14.39
CB MSE B 253 -3.99 7.15 13.60
CG MSE B 253 -3.21 6.06 12.89
SE MSE B 253 -1.59 5.59 13.85
CE MSE B 253 -0.44 5.30 12.30
N MSE B 254 -5.99 9.43 14.27
CA MSE B 254 -6.83 10.14 15.23
C MSE B 254 -8.23 10.41 14.68
O MSE B 254 -9.22 10.33 15.43
CB MSE B 254 -6.15 11.43 15.70
CG MSE B 254 -4.95 11.21 16.60
SE MSE B 254 -5.30 10.01 18.11
CE MSE B 254 -3.48 9.80 18.74
N LYS B 255 -8.35 10.75 13.40
CA LYS B 255 -9.67 11.01 12.83
C LYS B 255 -10.50 9.72 12.87
N VAL B 256 -9.91 8.62 12.42
CA VAL B 256 -10.62 7.35 12.43
C VAL B 256 -10.95 6.96 13.88
N ALA B 257 -9.99 7.16 14.79
CA ALA B 257 -10.20 6.83 16.20
C ALA B 257 -11.39 7.59 16.79
N PHE B 258 -11.45 8.89 16.52
CA PHE B 258 -12.57 9.68 17.04
C PHE B 258 -13.89 9.30 16.38
N SER B 259 -13.82 8.79 15.16
CA SER B 259 -15.04 8.36 14.46
C SER B 259 -15.53 7.07 15.13
N ALA B 260 -14.59 6.24 15.58
CA ALA B 260 -14.95 4.99 16.25
C ALA B 260 -15.59 5.34 17.60
N LEU B 261 -15.04 6.36 18.26
CA LEU B 261 -15.55 6.80 19.54
C LEU B 261 -17.00 7.25 19.37
N LYS B 262 -17.27 8.00 18.30
CA LYS B 262 -18.62 8.49 18.04
C LYS B 262 -19.57 7.29 17.89
N LEU B 263 -19.15 6.30 17.11
CA LEU B 263 -19.95 5.10 16.91
C LEU B 263 -20.31 4.51 18.27
N HIS B 264 -19.31 4.48 19.15
CA HIS B 264 -19.49 3.94 20.49
C HIS B 264 -20.52 4.74 21.31
N THR B 265 -20.54 6.06 21.14
CA THR B 265 -21.51 6.87 21.88
C THR B 265 -22.90 6.60 21.34
N LYS B 266 -22.97 6.01 20.14
CA LYS B 266 -24.23 5.69 19.49
C LYS B 266 -24.60 4.22 19.68
N ASN B 267 -23.80 3.49 20.44
CA ASN B 267 -24.04 2.07 20.70
C ASN B 267 -24.08 1.24 19.42
N LYS B 268 -23.24 1.60 18.44
CA LYS B 268 -23.21 0.86 17.18
C LYS B 268 -22.08 -0.16 17.16
N LYS B 269 -22.18 -1.14 16.27
CA LYS B 269 -21.14 -2.16 16.16
C LYS B 269 -19.87 -1.48 15.67
N ILE B 270 -18.76 -1.78 16.31
CA ILE B 270 -17.50 -1.16 15.95
C ILE B 270 -16.46 -2.18 15.53
N PRO B 271 -15.86 -1.99 14.34
CA PRO B 271 -14.83 -2.93 13.88
C PRO B 271 -13.75 -3.05 14.96
N ASP B 272 -13.23 -4.25 15.11
CA ASP B 272 -12.19 -4.58 16.06
C ASP B 272 -10.92 -3.78 15.75
N ARG B 273 -10.70 -3.49 14.47
CA ARG B 273 -9.54 -2.71 14.08
C ARG B 273 -9.72 -1.93 12.79
N PHE B 274 -8.98 -0.84 12.68
CA PHE B 274 -9.01 0.04 11.53
C PHE B 274 -7.58 0.25 11.05
N TYR B 275 -7.39 0.30 9.74
CA TYR B 275 -6.08 0.54 9.18
C TYR B 275 -6.03 1.87 8.45
N THR B 276 -5.02 2.67 8.74
CA THR B 276 -4.89 3.96 8.07
C THR B 276 -3.87 3.83 6.94
N TYR B 277 -4.08 4.58 5.86
CA TYR B 277 -3.18 4.51 4.72
C TYR B 277 -1.81 5.10 4.99
N SER B 278 -0.83 4.63 4.23
CA SER B 278 0.55 5.09 4.33
C SER B 278 1.00 5.43 2.92
N TYR B 279 2.19 6.00 2.80
CA TYR B 279 2.68 6.32 1.47
C TYR B 279 4.18 6.29 1.44
N LEU B 280 4.69 5.46 0.54
CA LEU B 280 6.12 5.25 0.36
C LEU B 280 6.76 6.46 -0.30
N TYR B 281 7.67 7.09 0.43
CA TYR B 281 8.37 8.26 -0.04
C TYR B 281 9.79 7.92 -0.46
N ASP B 282 10.13 8.14 -1.73
CA ASP B 282 11.48 7.85 -2.18
C ASP B 282 12.13 9.06 -2.83
S SO4 C . 3.06 7.51 -14.47
O1 SO4 C . 4.40 7.06 -14.90
O2 SO4 C . 2.28 6.33 -14.02
O3 SO4 C . 3.20 8.46 -13.36
O4 SO4 C . 2.36 8.17 -15.58
S SO4 D . 1.07 13.38 10.35
O1 SO4 D . 1.37 11.93 10.42
O2 SO4 D . -0.33 13.62 10.71
O3 SO4 D . 1.97 14.08 11.30
O4 SO4 D . 1.31 13.87 8.99
#